data_6IWD
#
_entry.id   6IWD
#
_cell.length_a   54.573
_cell.length_b   169.153
_cell.length_c   42.530
_cell.angle_alpha   90.00
_cell.angle_beta   90.00
_cell.angle_gamma   90.00
#
_symmetry.space_group_name_H-M   'P 21 21 2'
#
loop_
_entity.id
_entity.type
_entity.pdbx_description
1 polymer 'Tyrosine-protein phosphatase non-receptor type 14'
2 polymer 'HPV18 E7'
3 non-polymer 'CHLORIDE ION'
4 non-polymer 'PHOSPHATE ION'
5 non-polymer 'ZINC ION'
6 water water
#
loop_
_entity_poly.entity_id
_entity_poly.type
_entity_poly.pdbx_seq_one_letter_code
_entity_poly.pdbx_strand_id
1 'polypeptide(L)'
;MVDATRVPMDERFRTLKKKLEEGMVFTEYEQIPKKKANGIFSTAALPENAERSRIREVVPYEENRVELIPTKENNTGYIN
ASHIKVVVGGAEWHYIATQGPLPHTCHDFWQMVWEQGVNVIAMVTAEEEGGRTKSHRYWPKLGSKHSSATYGKFKVTTKF
RTDSVCYATTGLKVKHLLSGQERTVWHLQYTDWPDHGCPEDVQGFLSYLEEIQSVRRHTNSMLEGTKNRHPPIVVHCSAG
VGRTGVLILSELMIYCLEHNEKVEVPMMLRLLREQRMFMIQTIAQYKFVYQVLIQFLQNSRLI
;
A
2 'polypeptide(L)' GHMAEPQRHTMLCMCCKCEARIELVVESSADDLRAFQQLFLNTLSFVCPWCASQQ B
#
# COMPACT_ATOMS: atom_id res chain seq x y z
N MET A 9 12.31 -15.79 -20.56
CA MET A 9 12.83 -15.11 -19.38
C MET A 9 14.21 -15.61 -18.98
N ASP A 10 14.64 -16.73 -19.58
CA ASP A 10 15.97 -17.25 -19.29
C ASP A 10 17.04 -16.27 -19.73
N GLU A 11 16.84 -15.60 -20.86
CA GLU A 11 17.75 -14.53 -21.26
C GLU A 11 17.65 -13.34 -20.32
N ARG A 12 16.46 -13.05 -19.80
CA ARG A 12 16.29 -11.97 -18.83
C ARG A 12 17.00 -12.30 -17.51
N PHE A 13 16.90 -13.57 -17.06
CA PHE A 13 17.60 -14.00 -15.86
C PHE A 13 19.11 -13.82 -16.02
N ARG A 14 19.68 -14.35 -17.11
CA ARG A 14 21.13 -14.27 -17.31
C ARG A 14 21.58 -12.83 -17.47
N THR A 15 20.78 -11.99 -18.14
CA THR A 15 21.14 -10.59 -18.30
C THR A 15 21.20 -9.88 -16.96
N LEU A 16 20.19 -10.10 -16.11
CA LEU A 16 20.16 -9.46 -14.80
C LEU A 16 21.35 -9.89 -13.95
N LYS A 17 21.70 -11.19 -14.00
CA LYS A 17 22.79 -11.69 -13.18
C LYS A 17 24.11 -11.06 -13.61
N LYS A 18 24.35 -11.01 -14.92
CA LYS A 18 25.54 -10.35 -15.45
C LYS A 18 25.66 -8.91 -14.97
N LYS A 19 24.57 -8.15 -15.04
CA LYS A 19 24.64 -6.75 -14.60
C LYS A 19 25.01 -6.66 -13.13
N LEU A 20 24.48 -7.57 -12.31
CA LEU A 20 24.82 -7.58 -10.89
C LEU A 20 26.28 -7.97 -10.66
N GLU A 21 26.90 -8.66 -11.60
CA GLU A 21 28.31 -9.04 -11.47
C GLU A 21 29.27 -7.99 -12.02
N GLU A 22 28.75 -6.95 -12.69
CA GLU A 22 29.61 -5.95 -13.30
C GLU A 22 30.14 -4.92 -12.31
N GLY A 23 29.62 -4.90 -11.08
CA GLY A 23 30.16 -4.04 -10.05
C GLY A 23 29.78 -2.58 -10.16
N MET A 24 28.78 -2.23 -10.95
CA MET A 24 28.41 -0.84 -11.14
C MET A 24 27.00 -0.50 -10.70
N VAL A 25 26.21 -1.47 -10.22
CA VAL A 25 24.84 -1.13 -9.89
C VAL A 25 24.78 -0.22 -8.66
N PHE A 26 25.68 -0.41 -7.70
CA PHE A 26 25.74 0.52 -6.59
C PHE A 26 26.39 1.85 -6.97
N THR A 27 27.32 1.83 -7.94
CA THR A 27 27.91 3.06 -8.46
C THR A 27 26.84 3.95 -9.09
N GLU A 28 25.98 3.36 -9.91
CA GLU A 28 25.00 4.20 -10.59
C GLU A 28 23.91 4.67 -9.65
N TYR A 29 23.62 3.92 -8.59
CA TYR A 29 22.65 4.37 -7.61
C TYR A 29 23.09 5.67 -6.95
N GLU A 30 24.37 5.77 -6.57
CA GLU A 30 24.85 6.99 -5.90
C GLU A 30 24.69 8.22 -6.79
N GLN A 31 24.76 8.06 -8.10
CA GLN A 31 24.68 9.18 -9.02
C GLN A 31 23.26 9.58 -9.38
N ILE A 32 22.25 8.85 -8.89
CA ILE A 32 20.87 9.24 -9.16
C ILE A 32 20.52 10.34 -8.18
N PRO A 33 20.19 11.54 -8.66
CA PRO A 33 19.87 12.63 -7.73
C PRO A 33 18.65 12.27 -6.87
N LYS A 34 18.72 12.64 -5.60
CA LYS A 34 17.67 12.24 -4.68
C LYS A 34 16.37 12.99 -4.93
N LYS A 35 16.40 14.11 -5.66
CA LYS A 35 15.22 14.93 -5.87
C LYS A 35 15.49 15.94 -6.98
N LYS A 36 14.42 16.46 -7.56
CA LYS A 36 14.54 17.39 -8.68
C LYS A 36 15.25 18.67 -8.26
N ALA A 37 16.16 19.14 -9.13
CA ALA A 37 16.90 20.36 -8.87
C ALA A 37 15.96 21.56 -8.74
N ASN A 38 15.17 21.82 -9.76
CA ASN A 38 14.29 22.99 -9.72
C ASN A 38 12.90 22.62 -9.18
N GLY A 39 12.90 21.89 -8.06
CA GLY A 39 11.65 21.38 -7.51
C GLY A 39 10.92 22.46 -6.71
N ILE A 40 9.60 22.43 -6.81
CA ILE A 40 8.74 23.44 -6.18
C ILE A 40 7.79 22.74 -5.22
N PHE A 41 7.69 23.24 -3.98
CA PHE A 41 6.94 22.61 -2.91
C PHE A 41 6.05 23.62 -2.21
N SER A 42 5.42 24.49 -2.99
CA SER A 42 4.78 25.69 -2.44
C SER A 42 3.79 25.35 -1.33
N THR A 43 2.84 24.46 -1.62
CA THR A 43 1.80 24.20 -0.64
C THR A 43 2.36 23.44 0.57
N ALA A 44 3.23 22.46 0.33
CA ALA A 44 3.82 21.73 1.45
C ALA A 44 4.65 22.64 2.35
N ALA A 45 5.21 23.71 1.80
CA ALA A 45 6.08 24.61 2.52
C ALA A 45 5.35 25.64 3.36
N LEU A 46 4.05 25.81 3.16
CA LEU A 46 3.30 26.78 3.94
C LEU A 46 3.35 26.44 5.43
N PRO A 47 3.51 27.43 6.31
CA PRO A 47 3.53 27.13 7.75
C PRO A 47 2.24 26.47 8.24
N GLU A 48 1.09 26.75 7.62
CA GLU A 48 -0.13 26.05 8.04
C GLU A 48 -0.06 24.56 7.79
N ASN A 49 0.84 24.10 6.93
CA ASN A 49 0.93 22.69 6.55
C ASN A 49 2.13 21.99 7.15
N ALA A 50 2.86 22.66 8.06
CA ALA A 50 4.03 22.06 8.67
C ALA A 50 3.65 20.85 9.51
N GLU A 51 2.59 20.96 10.28
CA GLU A 51 2.19 19.89 11.19
C GLU A 51 1.54 18.72 10.48
N ARG A 52 1.21 18.87 9.20
CA ARG A 52 0.58 17.80 8.44
C ARG A 52 1.57 16.84 7.79
N SER A 53 2.87 17.07 7.92
CA SER A 53 3.88 16.18 7.38
C SER A 53 4.61 15.49 8.53
N ARG A 54 4.70 14.16 8.45
CA ARG A 54 5.35 13.38 9.49
C ARG A 54 6.83 13.67 9.54
N ILE A 55 7.48 13.66 8.38
CA ILE A 55 8.88 14.03 8.24
C ILE A 55 8.92 15.35 7.47
N ARG A 56 9.32 16.41 8.16
CA ARG A 56 9.32 17.75 7.56
C ARG A 56 10.06 17.78 6.23
N GLU A 57 11.14 17.01 6.12
CA GLU A 57 12.01 17.07 4.95
C GLU A 57 11.41 16.38 3.72
N VAL A 58 10.40 15.53 3.89
CA VAL A 58 9.87 14.72 2.81
C VAL A 58 8.47 15.22 2.48
N VAL A 59 8.34 15.90 1.33
CA VAL A 59 7.08 16.53 0.96
C VAL A 59 6.86 16.35 -0.54
N PRO A 60 5.60 16.44 -0.99
CA PRO A 60 5.30 16.31 -2.42
C PRO A 60 5.67 17.56 -3.22
N TYR A 61 6.12 17.32 -4.46
CA TYR A 61 6.20 18.38 -5.45
C TYR A 61 4.82 18.98 -5.71
N GLU A 62 4.80 20.26 -6.06
CA GLU A 62 3.51 20.92 -6.23
C GLU A 62 2.72 20.33 -7.41
N GLU A 63 3.41 19.98 -8.50
CA GLU A 63 2.70 19.65 -9.72
C GLU A 63 1.92 18.35 -9.63
N ASN A 64 2.33 17.42 -8.76
CA ASN A 64 1.62 16.15 -8.67
C ASN A 64 1.23 15.78 -7.24
N ARG A 65 1.14 16.76 -6.34
CA ARG A 65 0.60 16.47 -5.02
C ARG A 65 -0.86 16.04 -5.15
N VAL A 66 -1.33 15.23 -4.20
CA VAL A 66 -2.74 14.86 -4.21
C VAL A 66 -3.50 16.01 -3.58
N GLU A 67 -4.34 16.66 -4.38
CA GLU A 67 -5.09 17.83 -3.91
C GLU A 67 -6.45 17.40 -3.41
N LEU A 68 -6.76 17.73 -2.15
CA LEU A 68 -8.07 17.43 -1.59
C LEU A 68 -9.03 18.61 -1.80
N ILE A 69 -10.32 18.30 -1.76
CA ILE A 69 -11.32 19.38 -1.72
C ILE A 69 -11.06 20.26 -0.50
N PRO A 70 -10.98 21.58 -0.64
CA PRO A 70 -10.72 22.45 0.51
C PRO A 70 -11.80 22.31 1.58
N THR A 71 -11.38 22.47 2.83
CA THR A 71 -12.27 22.59 3.97
C THR A 71 -11.85 23.81 4.78
N LYS A 72 -12.69 24.21 5.74
CA LYS A 72 -12.31 25.36 6.55
C LYS A 72 -11.04 25.08 7.33
N GLU A 73 -10.87 23.87 7.86
CA GLU A 73 -9.66 23.59 8.63
C GLU A 73 -8.46 23.31 7.74
N ASN A 74 -8.67 22.88 6.48
CA ASN A 74 -7.58 22.52 5.55
C ASN A 74 -7.89 23.17 4.21
N ASN A 75 -7.63 24.49 4.12
CA ASN A 75 -8.10 25.25 2.97
C ASN A 75 -7.28 25.03 1.70
N THR A 76 -6.03 24.61 1.82
CA THR A 76 -5.25 24.26 0.63
C THR A 76 -5.46 22.81 0.19
N GLY A 77 -6.32 22.07 0.88
CA GLY A 77 -6.54 20.66 0.60
C GLY A 77 -5.25 19.89 0.59
N TYR A 78 -4.43 20.04 1.63
CA TYR A 78 -3.08 19.48 1.64
C TYR A 78 -3.04 18.14 2.37
N ILE A 79 -2.40 17.16 1.73
CA ILE A 79 -2.00 15.92 2.36
C ILE A 79 -0.62 15.57 1.81
N ASN A 80 0.22 14.98 2.65
CA ASN A 80 1.56 14.60 2.20
C ASN A 80 1.43 13.33 1.36
N ALA A 81 1.16 13.52 0.07
CA ALA A 81 0.89 12.40 -0.83
C ALA A 81 1.16 12.85 -2.26
N SER A 82 1.70 11.94 -3.07
CA SER A 82 2.04 12.22 -4.45
C SER A 82 1.37 11.23 -5.41
N HIS A 83 0.93 11.73 -6.55
CA HIS A 83 0.51 10.87 -7.65
C HIS A 83 1.75 10.36 -8.38
N ILE A 84 1.92 9.04 -8.43
CA ILE A 84 3.04 8.38 -9.13
C ILE A 84 2.45 7.70 -10.37
N LYS A 85 2.82 8.16 -11.55
CA LYS A 85 2.27 7.61 -12.78
C LYS A 85 3.41 7.19 -13.71
N VAL A 86 3.38 5.93 -14.14
CA VAL A 86 4.37 5.38 -15.05
C VAL A 86 3.65 4.57 -16.11
N VAL A 87 4.07 4.72 -17.37
CA VAL A 87 3.53 3.92 -18.46
C VAL A 87 4.55 2.85 -18.83
N VAL A 88 4.16 1.59 -18.68
CA VAL A 88 5.01 0.46 -19.03
C VAL A 88 4.22 -0.42 -20.01
N GLY A 89 4.76 -0.58 -21.21
CA GLY A 89 4.13 -1.44 -22.20
C GLY A 89 2.69 -1.06 -22.47
N GLY A 90 2.46 0.19 -22.87
CA GLY A 90 1.14 0.66 -23.21
C GLY A 90 0.17 0.72 -22.05
N ALA A 91 0.60 0.30 -20.86
CA ALA A 91 -0.23 0.29 -19.66
C ALA A 91 0.18 1.43 -18.74
N GLU A 92 -0.78 2.23 -18.30
CA GLU A 92 -0.53 3.25 -17.30
C GLU A 92 -0.67 2.62 -15.93
N TRP A 93 0.32 2.84 -15.08
CA TRP A 93 0.29 2.47 -13.68
C TRP A 93 0.11 3.73 -12.85
N HIS A 94 -0.75 3.67 -11.85
CA HIS A 94 -1.03 4.83 -11.01
C HIS A 94 -0.97 4.39 -9.56
N TYR A 95 -0.07 5.02 -8.81
CA TYR A 95 0.01 4.85 -7.36
C TYR A 95 -0.15 6.20 -6.70
N ILE A 96 -0.61 6.17 -5.45
CA ILE A 96 -0.47 7.31 -4.56
C ILE A 96 0.50 6.90 -3.47
N ALA A 97 1.63 7.59 -3.38
CA ALA A 97 2.63 7.33 -2.35
C ALA A 97 2.40 8.35 -1.24
N THR A 98 2.22 7.88 -0.01
CA THR A 98 1.88 8.83 1.05
C THR A 98 2.55 8.39 2.35
N GLN A 99 2.57 9.29 3.32
CA GLN A 99 3.12 9.01 4.64
C GLN A 99 2.08 8.28 5.49
N GLY A 100 2.56 7.63 6.54
CA GLY A 100 1.66 7.06 7.52
C GLY A 100 0.87 8.16 8.20
N PRO A 101 -0.46 8.04 8.22
CA PRO A 101 -1.28 9.13 8.76
C PRO A 101 -0.88 9.48 10.20
N LEU A 102 -0.97 10.74 10.51
CA LEU A 102 -0.84 11.27 11.86
C LEU A 102 -2.21 11.25 12.53
N PRO A 103 -2.26 11.35 13.86
CA PRO A 103 -3.57 11.38 14.53
C PRO A 103 -4.50 12.45 13.99
N HIS A 104 -3.97 13.59 13.58
CA HIS A 104 -4.78 14.70 13.10
C HIS A 104 -4.88 14.78 11.58
N THR A 105 -4.41 13.76 10.85
CA THR A 105 -4.59 13.72 9.41
C THR A 105 -5.35 12.46 8.95
N CYS A 106 -5.94 11.71 9.88
CA CYS A 106 -6.70 10.52 9.50
C CYS A 106 -7.91 10.88 8.64
N HIS A 107 -8.57 12.00 8.95
CA HIS A 107 -9.72 12.41 8.13
C HIS A 107 -9.27 12.87 6.75
N ASP A 108 -8.10 13.50 6.65
CA ASP A 108 -7.52 13.83 5.35
C ASP A 108 -7.25 12.56 4.53
N PHE A 109 -6.65 11.56 5.18
CA PHE A 109 -6.35 10.29 4.50
C PHE A 109 -7.61 9.67 3.93
N TRP A 110 -8.67 9.58 4.73
CA TRP A 110 -9.88 8.95 4.21
C TRP A 110 -10.55 9.82 3.15
N GLN A 111 -10.42 11.14 3.27
CA GLN A 111 -10.92 12.02 2.22
C GLN A 111 -10.20 11.75 0.90
N MET A 112 -8.88 11.54 0.95
CA MET A 112 -8.13 11.19 -0.25
C MET A 112 -8.59 9.85 -0.81
N VAL A 113 -8.77 8.86 0.05
CA VAL A 113 -9.25 7.55 -0.40
C VAL A 113 -10.58 7.70 -1.14
N TRP A 114 -11.46 8.57 -0.63
CA TRP A 114 -12.78 8.74 -1.24
C TRP A 114 -12.69 9.45 -2.58
N GLU A 115 -12.05 10.63 -2.61
CA GLU A 115 -11.99 11.43 -3.82
C GLU A 115 -11.29 10.68 -4.95
N GLN A 116 -10.27 9.90 -4.63
CA GLN A 116 -9.50 9.20 -5.65
C GLN A 116 -10.08 7.84 -6.02
N GLY A 117 -11.16 7.42 -5.36
CA GLY A 117 -11.79 6.13 -5.65
C GLY A 117 -10.91 4.94 -5.35
N VAL A 118 -10.04 5.05 -4.34
CA VAL A 118 -9.09 4.01 -3.99
C VAL A 118 -9.82 2.78 -3.46
N ASN A 119 -9.44 1.60 -3.97
CA ASN A 119 -9.94 0.31 -3.51
C ASN A 119 -8.96 -0.48 -2.65
N VAL A 120 -7.67 -0.16 -2.73
CA VAL A 120 -6.61 -0.97 -2.12
C VAL A 120 -5.61 -0.05 -1.43
N ILE A 121 -5.29 -0.35 -0.18
CA ILE A 121 -4.23 0.33 0.57
C ILE A 121 -3.15 -0.69 0.89
N ALA A 122 -1.92 -0.39 0.47
CA ALA A 122 -0.76 -1.23 0.78
C ALA A 122 0.06 -0.55 1.86
N MET A 123 0.00 -1.10 3.08
CA MET A 123 0.68 -0.51 4.24
C MET A 123 1.92 -1.34 4.53
N VAL A 124 3.09 -0.76 4.29
CA VAL A 124 4.32 -1.55 4.33
C VAL A 124 5.05 -1.30 5.64
N THR A 125 4.32 -1.34 6.75
CA THR A 125 4.91 -1.00 8.04
C THR A 125 3.94 -1.45 9.13
N ALA A 126 4.49 -1.59 10.34
CA ALA A 126 3.67 -1.69 11.55
C ALA A 126 3.39 -0.30 12.09
N GLU A 127 2.39 -0.22 12.96
CA GLU A 127 2.04 1.08 13.56
C GLU A 127 3.21 1.63 14.37
N GLU A 128 3.78 0.81 15.26
CA GLU A 128 4.97 1.17 16.02
C GLU A 128 6.07 0.15 15.78
N GLU A 129 7.29 0.64 15.57
CA GLU A 129 8.45 -0.22 15.35
C GLU A 129 9.57 0.23 16.26
N GLY A 130 10.02 -0.68 17.12
CA GLY A 130 11.11 -0.37 18.04
C GLY A 130 10.81 0.82 18.94
N GLY A 131 9.54 1.05 19.26
CA GLY A 131 9.14 2.12 20.14
C GLY A 131 8.74 3.41 19.45
N ARG A 132 9.12 3.59 18.19
CA ARG A 132 8.82 4.82 17.47
C ARG A 132 7.57 4.64 16.61
N THR A 133 6.72 5.66 16.62
CA THR A 133 5.49 5.62 15.84
C THR A 133 5.78 5.77 14.35
N LYS A 134 5.27 4.84 13.56
CA LYS A 134 5.38 4.89 12.11
C LYS A 134 4.09 5.29 11.42
N SER A 135 2.95 4.92 12.00
CA SER A 135 1.64 5.27 11.48
C SER A 135 0.63 5.27 12.62
N HIS A 136 -0.28 6.23 12.59
CA HIS A 136 -1.45 6.18 13.45
C HIS A 136 -2.33 5.01 13.02
N ARG A 137 -3.08 4.47 13.97
CA ARG A 137 -4.09 3.44 13.66
C ARG A 137 -5.30 4.16 13.08
N TYR A 138 -5.41 4.15 11.74
CA TYR A 138 -6.44 4.89 11.03
C TYR A 138 -7.58 3.99 10.56
N TRP A 139 -7.61 2.74 10.99
CA TRP A 139 -8.73 1.85 10.71
C TRP A 139 -9.11 1.13 12.00
N PRO A 140 -10.37 0.71 12.12
CA PRO A 140 -10.85 0.17 13.40
C PRO A 140 -10.23 -1.17 13.76
N LYS A 141 -10.39 -1.52 15.04
CA LYS A 141 -10.08 -2.84 15.53
C LYS A 141 -11.33 -3.71 15.53
N LEU A 142 -11.18 -4.97 15.13
CA LEU A 142 -12.30 -5.89 15.16
C LEU A 142 -12.84 -6.03 16.58
N GLY A 143 -14.16 -5.94 16.71
CA GLY A 143 -14.83 -6.15 17.98
C GLY A 143 -14.79 -4.97 18.92
N SER A 144 -14.05 -3.91 18.58
CA SER A 144 -13.96 -2.71 19.40
C SER A 144 -14.91 -1.66 18.83
N LYS A 145 -15.90 -1.25 19.64
CA LYS A 145 -16.91 -0.25 19.27
C LYS A 145 -17.62 -0.60 17.94
N HIS A 146 -18.27 -1.77 17.93
CA HIS A 146 -18.93 -2.27 16.73
C HIS A 146 -17.95 -2.39 15.55
N SER A 147 -16.67 -2.60 15.87
CA SER A 147 -15.60 -2.69 14.86
C SER A 147 -15.58 -1.46 13.95
N SER A 148 -16.00 -0.31 14.49
CA SER A 148 -16.15 0.88 13.66
C SER A 148 -15.43 2.07 14.32
N ALA A 149 -15.10 3.05 13.49
CA ALA A 149 -14.48 4.29 13.93
C ALA A 149 -14.80 5.37 12.92
N THR A 150 -14.88 6.62 13.37
CA THR A 150 -15.26 7.72 12.51
C THR A 150 -14.13 8.74 12.44
N TYR A 151 -13.76 9.14 11.23
CA TYR A 151 -12.66 10.08 10.99
C TYR A 151 -13.23 11.20 10.13
N GLY A 152 -13.58 12.32 10.76
CA GLY A 152 -14.22 13.38 9.99
C GLY A 152 -15.55 12.92 9.43
N LYS A 153 -15.73 13.06 8.11
CA LYS A 153 -16.96 12.69 7.44
C LYS A 153 -17.08 11.19 7.13
N PHE A 154 -16.12 10.37 7.56
CA PHE A 154 -16.04 8.98 7.09
C PHE A 154 -16.17 8.02 8.25
N LYS A 155 -17.17 7.14 8.18
CA LYS A 155 -17.31 6.05 9.13
C LYS A 155 -16.72 4.79 8.51
N VAL A 156 -15.75 4.20 9.18
CA VAL A 156 -15.05 3.03 8.66
C VAL A 156 -15.40 1.84 9.54
N THR A 157 -15.72 0.71 8.90
CA THR A 157 -16.05 -0.51 9.61
C THR A 157 -15.18 -1.64 9.10
N THR A 158 -14.57 -2.38 10.02
CA THR A 158 -13.78 -3.55 9.68
C THR A 158 -14.70 -4.77 9.65
N LYS A 159 -14.68 -5.49 8.53
CA LYS A 159 -15.59 -6.62 8.36
C LYS A 159 -14.90 -7.97 8.52
N PHE A 160 -13.61 -8.07 8.20
CA PHE A 160 -12.88 -9.32 8.37
C PHE A 160 -11.40 -9.02 8.36
N ARG A 161 -10.62 -9.94 8.93
CA ARG A 161 -9.18 -9.95 8.75
C ARG A 161 -8.73 -11.38 8.52
N THR A 162 -7.86 -11.57 7.53
CA THR A 162 -7.24 -12.86 7.25
C THR A 162 -5.73 -12.68 7.43
N ASP A 163 -5.17 -13.31 8.45
CA ASP A 163 -3.72 -13.23 8.69
C ASP A 163 -3.01 -14.28 7.85
N SER A 164 -2.00 -13.84 7.10
CA SER A 164 -1.04 -14.73 6.47
C SER A 164 0.25 -14.68 7.27
N VAL A 165 1.27 -15.41 6.83
CA VAL A 165 2.51 -15.45 7.59
C VAL A 165 3.17 -14.08 7.59
N CYS A 166 3.29 -13.46 6.42
CA CYS A 166 4.04 -12.22 6.28
C CYS A 166 3.18 -10.97 6.11
N TYR A 167 1.86 -11.11 6.09
CA TYR A 167 1.02 -9.94 5.86
C TYR A 167 -0.39 -10.28 6.31
N ALA A 168 -1.20 -9.25 6.47
CA ALA A 168 -2.59 -9.40 6.88
C ALA A 168 -3.48 -8.64 5.91
N THR A 169 -4.61 -9.24 5.56
CA THR A 169 -5.58 -8.65 4.64
C THR A 169 -6.84 -8.32 5.44
N THR A 170 -7.25 -7.06 5.42
CA THR A 170 -8.41 -6.59 6.17
C THR A 170 -9.42 -5.99 5.19
N GLY A 171 -10.67 -6.42 5.27
CA GLY A 171 -11.71 -5.83 4.46
C GLY A 171 -12.43 -4.75 5.25
N LEU A 172 -12.53 -3.57 4.64
CA LEU A 172 -13.18 -2.42 5.27
C LEU A 172 -14.37 -1.93 4.46
N LYS A 173 -15.38 -1.41 5.17
CA LYS A 173 -16.47 -0.64 4.58
C LYS A 173 -16.31 0.81 5.00
N VAL A 174 -16.42 1.73 4.04
CA VAL A 174 -16.28 3.17 4.30
C VAL A 174 -17.59 3.84 3.93
N LYS A 175 -18.16 4.58 4.88
CA LYS A 175 -19.43 5.24 4.67
C LYS A 175 -19.23 6.75 4.73
N HIS A 176 -19.71 7.45 3.70
CA HIS A 176 -19.69 8.91 3.71
C HIS A 176 -20.89 9.40 4.51
N LEU A 177 -20.63 10.11 5.60
CA LEU A 177 -21.70 10.32 6.56
C LEU A 177 -22.71 11.37 6.10
N LEU A 178 -22.38 12.18 5.09
CA LEU A 178 -23.38 13.10 4.55
C LEU A 178 -24.24 12.44 3.46
N SER A 179 -23.62 11.76 2.50
CA SER A 179 -24.40 11.15 1.44
C SER A 179 -24.98 9.80 1.82
N GLY A 180 -24.44 9.14 2.85
CA GLY A 180 -24.77 7.76 3.15
C GLY A 180 -24.12 6.72 2.24
N GLN A 181 -23.41 7.15 1.19
CA GLN A 181 -22.79 6.21 0.26
C GLN A 181 -21.80 5.30 0.97
N GLU A 182 -21.85 4.01 0.66
CA GLU A 182 -20.89 3.05 1.20
C GLU A 182 -19.99 2.51 0.09
N ARG A 183 -18.74 2.23 0.46
CA ARG A 183 -17.74 1.69 -0.44
C ARG A 183 -16.90 0.67 0.30
N THR A 184 -16.22 -0.19 -0.48
CA THR A 184 -15.32 -1.20 0.05
C THR A 184 -13.88 -0.75 -0.15
N VAL A 185 -13.03 -1.00 0.85
CA VAL A 185 -11.59 -0.80 0.72
C VAL A 185 -10.89 -2.03 1.29
N TRP A 186 -9.86 -2.51 0.57
CA TRP A 186 -9.04 -3.62 1.04
C TRP A 186 -7.74 -3.07 1.61
N HIS A 187 -7.40 -3.47 2.83
CA HIS A 187 -6.23 -2.96 3.55
C HIS A 187 -5.24 -4.11 3.66
N LEU A 188 -4.10 -3.99 2.98
CA LEU A 188 -3.09 -5.06 2.92
C LEU A 188 -1.84 -4.59 3.64
N GLN A 189 -1.56 -5.20 4.79
CA GLN A 189 -0.46 -4.73 5.65
C GLN A 189 0.66 -5.76 5.68
N TYR A 190 1.85 -5.37 5.23
CA TYR A 190 3.02 -6.22 5.34
C TYR A 190 3.52 -6.17 6.78
N THR A 191 3.66 -7.33 7.40
CA THR A 191 3.99 -7.39 8.81
C THR A 191 5.42 -7.90 9.09
N ASP A 192 6.22 -8.16 8.07
CA ASP A 192 7.49 -8.84 8.23
C ASP A 192 8.71 -7.92 8.08
N TRP A 193 8.52 -6.61 7.97
CA TRP A 193 9.69 -5.75 7.79
C TRP A 193 10.38 -5.51 9.12
N PRO A 194 11.69 -5.73 9.22
CA PRO A 194 12.36 -5.56 10.52
C PRO A 194 12.48 -4.10 10.92
N ASP A 195 12.76 -3.89 12.21
CA ASP A 195 12.82 -2.53 12.75
C ASP A 195 13.95 -1.72 12.10
N HIS A 196 15.00 -2.37 11.62
CA HIS A 196 16.08 -1.71 10.91
C HIS A 196 16.54 -2.63 9.79
N GLY A 197 17.06 -2.04 8.71
CA GLY A 197 17.46 -2.82 7.55
C GLY A 197 16.27 -3.31 6.73
N CYS A 198 16.52 -4.33 5.93
CA CYS A 198 15.53 -4.89 5.01
C CYS A 198 15.19 -6.32 5.37
N PRO A 199 14.03 -6.83 4.95
CA PRO A 199 13.64 -8.19 5.34
C PRO A 199 14.54 -9.25 4.74
N GLU A 200 14.87 -10.25 5.56
CA GLU A 200 15.69 -11.35 5.07
C GLU A 200 14.87 -12.34 4.26
N ASP A 201 13.58 -12.46 4.56
CA ASP A 201 12.66 -13.36 3.86
C ASP A 201 12.17 -12.67 2.59
N VAL A 202 12.94 -12.79 1.51
CA VAL A 202 12.58 -12.18 0.23
C VAL A 202 11.32 -12.82 -0.34
N GLN A 203 11.18 -14.14 -0.19
CA GLN A 203 10.00 -14.82 -0.71
C GLN A 203 8.72 -14.26 -0.10
N GLY A 204 8.76 -13.94 1.20
CA GLY A 204 7.57 -13.40 1.84
C GLY A 204 7.17 -12.06 1.27
N PHE A 205 8.14 -11.19 0.98
CA PHE A 205 7.84 -9.94 0.31
C PHE A 205 7.23 -10.19 -1.05
N LEU A 206 7.73 -11.19 -1.78
CA LEU A 206 7.10 -11.54 -3.06
C LEU A 206 5.66 -12.02 -2.88
N SER A 207 5.37 -12.71 -1.79
CA SER A 207 4.00 -13.14 -1.52
C SER A 207 3.10 -11.95 -1.29
N TYR A 208 3.62 -10.92 -0.62
CA TYR A 208 2.87 -9.70 -0.40
C TYR A 208 2.55 -9.00 -1.72
N LEU A 209 3.57 -8.85 -2.58
CA LEU A 209 3.31 -8.31 -3.92
C LEU A 209 2.25 -9.12 -4.66
N GLU A 210 2.31 -10.44 -4.53
CA GLU A 210 1.31 -11.32 -5.12
C GLU A 210 -0.10 -10.97 -4.66
N GLU A 211 -0.27 -10.76 -3.35
CA GLU A 211 -1.57 -10.43 -2.80
C GLU A 211 -2.06 -9.07 -3.29
N ILE A 212 -1.16 -8.09 -3.40
CA ILE A 212 -1.54 -6.78 -3.92
C ILE A 212 -2.05 -6.91 -5.34
N GLN A 213 -1.29 -7.60 -6.18
CA GLN A 213 -1.68 -7.84 -7.56
C GLN A 213 -3.03 -8.55 -7.63
N SER A 214 -3.23 -9.55 -6.76
CA SER A 214 -4.47 -10.33 -6.78
C SER A 214 -5.68 -9.50 -6.34
N VAL A 215 -5.51 -8.68 -5.28
CA VAL A 215 -6.62 -7.87 -4.78
C VAL A 215 -6.92 -6.73 -5.74
N ARG A 216 -5.91 -6.16 -6.39
CA ARG A 216 -6.18 -5.14 -7.41
C ARG A 216 -7.03 -5.70 -8.54
N ARG A 217 -6.70 -6.89 -9.04
CA ARG A 217 -7.51 -7.44 -10.11
C ARG A 217 -8.92 -7.79 -9.64
N HIS A 218 -9.04 -8.27 -8.40
CA HIS A 218 -10.37 -8.57 -7.86
C HIS A 218 -11.22 -7.32 -7.78
N THR A 219 -10.71 -6.26 -7.16
CA THR A 219 -11.51 -5.05 -7.01
C THR A 219 -11.83 -4.42 -8.35
N ASN A 220 -10.91 -4.52 -9.32
CA ASN A 220 -11.20 -4.02 -10.66
C ASN A 220 -12.32 -4.81 -11.31
N SER A 221 -12.34 -6.13 -11.11
CA SER A 221 -13.41 -6.93 -11.70
C SER A 221 -14.77 -6.61 -11.06
N MET A 222 -14.78 -6.30 -9.76
CA MET A 222 -16.05 -6.01 -9.08
C MET A 222 -16.71 -4.76 -9.66
N LEU A 223 -15.92 -3.76 -10.05
CA LEU A 223 -16.44 -2.52 -10.61
C LEU A 223 -16.77 -2.63 -12.10
N GLU A 224 -17.05 -3.84 -12.57
CA GLU A 224 -17.39 -4.12 -13.98
C GLU A 224 -18.26 -3.04 -14.63
N ARG A 229 -12.45 3.36 -13.07
CA ARG A 229 -11.92 2.06 -13.45
C ARG A 229 -10.38 2.05 -13.47
N HIS A 230 -9.81 1.15 -12.68
CA HIS A 230 -8.40 1.08 -12.31
C HIS A 230 -7.99 2.37 -11.61
N PRO A 231 -8.45 2.57 -10.38
CA PRO A 231 -7.98 3.68 -9.57
C PRO A 231 -6.56 3.41 -9.09
N PRO A 232 -5.90 4.43 -8.53
CA PRO A 232 -4.60 4.21 -7.92
C PRO A 232 -4.74 3.37 -6.66
N ILE A 233 -3.72 2.57 -6.38
CA ILE A 233 -3.63 2.00 -5.04
C ILE A 233 -2.83 2.97 -4.20
N VAL A 234 -3.08 2.99 -2.90
CA VAL A 234 -2.34 3.82 -1.96
C VAL A 234 -1.25 2.97 -1.33
N VAL A 235 -0.03 3.47 -1.33
CA VAL A 235 1.10 2.79 -0.70
C VAL A 235 1.66 3.73 0.35
N HIS A 236 1.84 3.24 1.57
CA HIS A 236 2.41 4.12 2.56
C HIS A 236 3.28 3.32 3.52
N CYS A 237 4.26 4.01 4.09
CA CYS A 237 5.07 3.49 5.18
C CYS A 237 5.06 4.54 6.28
N SER A 238 6.23 5.10 6.61
CA SER A 238 6.29 6.22 7.56
C SER A 238 6.36 7.56 6.82
N ALA A 239 7.39 7.76 6.00
CA ALA A 239 7.48 8.98 5.21
C ALA A 239 7.01 8.78 3.77
N GLY A 240 6.71 7.56 3.37
CA GLY A 240 6.19 7.34 2.03
C GLY A 240 7.20 7.39 0.93
N VAL A 241 8.48 7.08 1.21
CA VAL A 241 9.49 7.11 0.16
C VAL A 241 10.37 5.87 0.17
N GLY A 242 10.67 5.33 1.35
CA GLY A 242 11.60 4.23 1.43
C GLY A 242 11.00 2.88 1.07
N ARG A 243 10.35 2.24 2.05
CA ARG A 243 9.67 0.98 1.76
C ARG A 243 8.62 1.14 0.68
N THR A 244 7.94 2.30 0.67
CA THR A 244 7.01 2.62 -0.41
C THR A 244 7.70 2.56 -1.76
N GLY A 245 8.90 3.15 -1.87
CA GLY A 245 9.63 3.07 -3.12
C GLY A 245 10.05 1.65 -3.46
N VAL A 246 10.44 0.86 -2.46
CA VAL A 246 10.79 -0.55 -2.70
C VAL A 246 9.61 -1.29 -3.30
N LEU A 247 8.42 -1.12 -2.74
CA LEU A 247 7.23 -1.82 -3.24
C LEU A 247 6.95 -1.42 -4.69
N ILE A 248 6.92 -0.11 -4.95
CA ILE A 248 6.52 0.38 -6.27
C ILE A 248 7.54 -0.02 -7.32
N LEU A 249 8.83 0.22 -7.04
CA LEU A 249 9.88 -0.18 -7.99
C LEU A 249 9.82 -1.68 -8.26
N SER A 250 9.61 -2.49 -7.23
CA SER A 250 9.55 -3.94 -7.40
C SER A 250 8.40 -4.35 -8.30
N GLU A 251 7.20 -3.81 -8.05
CA GLU A 251 6.06 -4.20 -8.86
C GLU A 251 6.26 -3.76 -10.31
N LEU A 252 6.77 -2.54 -10.52
CA LEU A 252 6.98 -2.06 -11.88
C LEU A 252 8.05 -2.89 -12.60
N MET A 253 9.13 -3.23 -11.91
CA MET A 253 10.17 -4.01 -12.58
C MET A 253 9.73 -5.45 -12.84
N ILE A 254 8.96 -6.04 -11.91
CA ILE A 254 8.45 -7.41 -12.14
C ILE A 254 7.53 -7.42 -13.36
N TYR A 255 6.73 -6.38 -13.52
CA TYR A 255 5.89 -6.30 -14.71
C TYR A 255 6.74 -6.07 -15.95
N CYS A 256 7.78 -5.24 -15.84
CA CYS A 256 8.69 -5.03 -16.97
C CYS A 256 9.33 -6.35 -17.42
N LEU A 257 9.72 -7.20 -16.46
CA LEU A 257 10.35 -8.47 -16.80
C LEU A 257 9.35 -9.46 -17.37
N GLU A 258 8.14 -9.46 -16.82
CA GLU A 258 7.11 -10.41 -17.24
C GLU A 258 6.60 -10.13 -18.63
N HIS A 259 6.73 -8.89 -19.11
CA HIS A 259 6.30 -8.49 -20.44
C HIS A 259 7.45 -7.92 -21.26
N ASN A 260 8.68 -8.18 -20.79
CA ASN A 260 9.90 -8.05 -21.58
C ASN A 260 10.09 -6.63 -22.12
N GLU A 261 9.93 -5.65 -21.23
CA GLU A 261 10.27 -4.27 -21.56
C GLU A 261 11.71 -3.99 -21.13
N LYS A 262 12.44 -3.31 -22.02
CA LYS A 262 13.88 -3.12 -21.86
C LYS A 262 14.23 -1.93 -20.97
N VAL A 263 13.52 -1.73 -19.87
CA VAL A 263 13.76 -0.60 -18.98
C VAL A 263 14.77 -1.02 -17.90
N GLU A 264 15.82 -0.22 -17.73
CA GLU A 264 16.77 -0.50 -16.67
C GLU A 264 16.22 -0.03 -15.33
N VAL A 265 16.55 -0.77 -14.27
CA VAL A 265 16.13 -0.39 -12.92
C VAL A 265 16.53 1.04 -12.56
N PRO A 266 17.78 1.48 -12.76
CA PRO A 266 18.11 2.87 -12.42
C PRO A 266 17.30 3.89 -13.21
N MET A 267 16.96 3.57 -14.46
CA MET A 267 16.10 4.46 -15.23
C MET A 267 14.71 4.57 -14.59
N MET A 268 14.14 3.45 -14.16
CA MET A 268 12.84 3.51 -13.48
C MET A 268 12.94 4.28 -12.17
N LEU A 269 14.02 4.08 -11.42
CA LEU A 269 14.17 4.83 -10.18
C LEU A 269 14.26 6.33 -10.43
N ARG A 270 14.98 6.75 -11.47
CA ARG A 270 15.04 8.17 -11.82
C ARG A 270 13.64 8.72 -12.09
N LEU A 271 12.79 7.97 -12.80
CA LEU A 271 11.43 8.44 -13.08
C LEU A 271 10.59 8.52 -11.82
N LEU A 272 10.75 7.58 -10.89
CA LEU A 272 10.03 7.67 -9.63
C LEU A 272 10.48 8.88 -8.83
N ARG A 273 11.80 9.16 -8.82
CA ARG A 273 12.31 10.31 -8.10
C ARG A 273 11.88 11.63 -8.73
N GLU A 274 11.63 11.63 -10.05
CA GLU A 274 11.00 12.77 -10.72
C GLU A 274 9.63 13.08 -10.15
N GLN A 275 8.98 12.10 -9.53
CA GLN A 275 7.62 12.27 -9.07
C GLN A 275 7.49 12.35 -7.57
N ARG A 276 8.42 11.79 -6.81
CA ARG A 276 8.45 12.00 -5.37
C ARG A 276 9.89 11.92 -4.90
N MET A 277 10.32 12.94 -4.16
CA MET A 277 11.70 13.02 -3.71
C MET A 277 12.06 11.83 -2.83
N PHE A 278 13.32 11.42 -2.90
CA PHE A 278 13.94 10.46 -1.99
C PHE A 278 13.43 9.02 -2.14
N MET A 279 12.62 8.71 -3.14
CA MET A 279 12.10 7.36 -3.29
C MET A 279 13.26 6.35 -3.30
N ILE A 280 13.18 5.35 -2.42
CA ILE A 280 14.26 4.41 -2.08
C ILE A 280 15.39 5.21 -1.45
N GLN A 281 15.44 5.26 -0.13
CA GLN A 281 16.39 6.18 0.49
C GLN A 281 17.69 5.53 0.95
N THR A 282 17.88 4.22 0.79
CA THR A 282 19.19 3.63 1.11
C THR A 282 19.63 2.65 0.03
N ILE A 283 20.95 2.48 -0.07
CA ILE A 283 21.51 1.46 -0.95
C ILE A 283 21.02 0.08 -0.56
N ALA A 284 20.82 -0.16 0.74
CA ALA A 284 20.33 -1.48 1.14
C ALA A 284 18.94 -1.75 0.58
N GLN A 285 18.09 -0.71 0.51
CA GLN A 285 16.77 -0.88 -0.08
C GLN A 285 16.87 -1.14 -1.58
N TYR A 286 17.79 -0.43 -2.24
CA TYR A 286 17.97 -0.62 -3.67
C TYR A 286 18.47 -2.03 -3.97
N LYS A 287 19.45 -2.51 -3.20
CA LYS A 287 19.92 -3.89 -3.36
C LYS A 287 18.83 -4.91 -3.04
N PHE A 288 17.95 -4.60 -2.08
CA PHE A 288 16.81 -5.48 -1.80
C PHE A 288 15.93 -5.65 -3.02
N VAL A 289 15.65 -4.56 -3.74
CA VAL A 289 14.85 -4.66 -4.96
C VAL A 289 15.47 -5.66 -5.93
N TYR A 290 16.78 -5.56 -6.16
CA TYR A 290 17.42 -6.51 -7.06
C TYR A 290 17.26 -7.95 -6.58
N GLN A 291 17.34 -8.18 -5.27
CA GLN A 291 17.17 -9.55 -4.79
C GLN A 291 15.73 -10.03 -4.94
N VAL A 292 14.75 -9.11 -4.85
CA VAL A 292 13.37 -9.45 -5.17
C VAL A 292 13.25 -9.88 -6.62
N LEU A 293 13.88 -9.14 -7.54
CA LEU A 293 13.78 -9.50 -8.94
C LEU A 293 14.49 -10.82 -9.22
N ILE A 294 15.64 -11.05 -8.59
CA ILE A 294 16.34 -12.33 -8.77
C ILE A 294 15.45 -13.48 -8.31
N GLN A 295 14.84 -13.34 -7.13
CA GLN A 295 13.98 -14.40 -6.61
C GLN A 295 12.75 -14.62 -7.49
N PHE A 296 12.14 -13.55 -7.99
CA PHE A 296 11.02 -13.70 -8.92
C PHE A 296 11.42 -14.49 -10.17
N LEU A 297 12.61 -14.22 -10.70
CA LEU A 297 13.06 -14.92 -11.89
C LEU A 297 13.44 -16.37 -11.57
N GLN A 298 14.07 -16.60 -10.42
CA GLN A 298 14.34 -17.98 -10.01
C GLN A 298 13.05 -18.75 -9.82
N ASN A 299 12.02 -18.11 -9.25
CA ASN A 299 10.72 -18.74 -9.09
C ASN A 299 10.17 -19.20 -10.43
N SER A 300 10.41 -18.42 -11.49
CA SER A 300 9.89 -18.77 -12.80
C SER A 300 10.50 -20.07 -13.32
N ARG A 301 11.81 -20.26 -13.14
CA ARG A 301 12.44 -21.52 -13.51
C ARG A 301 12.16 -22.54 -12.41
N GLU B 5 -3.35 -26.82 -4.50
CA GLU B 5 -4.14 -27.53 -3.50
C GLU B 5 -4.69 -26.55 -2.46
N PRO B 6 -5.90 -26.82 -1.94
CA PRO B 6 -6.45 -25.98 -0.87
C PRO B 6 -5.47 -25.78 0.29
N GLN B 7 -5.53 -24.59 0.88
CA GLN B 7 -4.73 -24.26 2.04
C GLN B 7 -5.63 -23.87 3.21
N ARG B 8 -5.08 -23.90 4.41
CA ARG B 8 -5.82 -23.52 5.59
C ARG B 8 -5.71 -22.01 5.79
N HIS B 9 -6.87 -21.37 6.04
CA HIS B 9 -6.93 -19.94 6.29
C HIS B 9 -7.83 -19.68 7.49
N THR B 10 -7.54 -18.61 8.22
CA THR B 10 -8.39 -18.21 9.33
C THR B 10 -9.05 -16.88 9.01
N MET B 11 -10.37 -16.80 9.20
CA MET B 11 -11.14 -15.59 9.01
C MET B 11 -11.60 -15.08 10.37
N LEU B 12 -11.17 -13.88 10.74
CA LEU B 12 -11.66 -13.21 11.93
C LEU B 12 -12.79 -12.25 11.55
N CYS B 13 -13.90 -12.34 12.26
CA CYS B 13 -15.02 -11.45 12.02
C CYS B 13 -15.71 -11.19 13.34
N MET B 14 -16.75 -10.34 13.30
CA MET B 14 -17.52 -9.97 14.47
C MET B 14 -18.93 -10.54 14.36
N CYS B 15 -19.45 -11.06 15.46
CA CYS B 15 -20.85 -11.46 15.49
C CYS B 15 -21.73 -10.25 15.19
N CYS B 16 -22.74 -10.46 14.34
CA CYS B 16 -23.61 -9.35 13.97
C CYS B 16 -24.64 -9.04 15.05
N LYS B 17 -24.63 -9.75 16.18
CA LYS B 17 -25.57 -9.50 17.25
C LYS B 17 -24.95 -8.98 18.53
N CYS B 18 -23.66 -9.27 18.80
CA CYS B 18 -23.14 -9.05 20.14
C CYS B 18 -21.70 -8.59 20.21
N GLU B 19 -21.05 -8.25 19.09
CA GLU B 19 -19.71 -7.68 19.06
C GLU B 19 -18.61 -8.68 19.42
N ALA B 20 -18.95 -9.92 19.79
CA ALA B 20 -17.91 -10.90 20.06
C ALA B 20 -17.19 -11.28 18.77
N ARG B 21 -15.90 -11.57 18.91
CA ARG B 21 -15.09 -11.98 17.77
C ARG B 21 -15.31 -13.45 17.44
N ILE B 22 -15.40 -13.76 16.15
CA ILE B 22 -15.61 -15.12 15.66
C ILE B 22 -14.38 -15.51 14.85
N GLU B 23 -13.85 -16.69 15.13
CA GLU B 23 -12.73 -17.25 14.40
C GLU B 23 -13.25 -18.41 13.55
N LEU B 24 -13.23 -18.24 12.22
CA LEU B 24 -13.60 -19.29 11.29
C LEU B 24 -12.34 -19.83 10.62
N VAL B 25 -12.22 -21.15 10.60
CA VAL B 25 -11.07 -21.81 10.00
C VAL B 25 -11.56 -22.61 8.80
N VAL B 26 -11.04 -22.28 7.63
CA VAL B 26 -11.47 -22.94 6.40
C VAL B 26 -10.25 -23.54 5.69
N GLU B 27 -10.52 -24.47 4.81
CA GLU B 27 -9.57 -24.91 3.79
C GLU B 27 -10.23 -24.68 2.43
N SER B 28 -9.49 -24.06 1.52
CA SER B 28 -10.08 -23.72 0.22
C SER B 28 -8.98 -23.29 -0.73
N SER B 29 -9.34 -23.19 -2.00
CA SER B 29 -8.48 -22.57 -2.99
C SER B 29 -8.39 -21.08 -2.71
N ALA B 30 -7.39 -20.44 -3.33
CA ALA B 30 -7.26 -18.98 -3.20
C ALA B 30 -8.48 -18.26 -3.76
N ASP B 31 -8.99 -18.71 -4.91
CA ASP B 31 -10.15 -18.04 -5.51
C ASP B 31 -11.37 -18.15 -4.62
N ASP B 32 -11.60 -19.30 -3.99
CA ASP B 32 -12.77 -19.43 -3.14
C ASP B 32 -12.59 -18.64 -1.85
N LEU B 33 -11.35 -18.50 -1.37
CA LEU B 33 -11.08 -17.64 -0.23
C LEU B 33 -11.45 -16.20 -0.55
N ARG B 34 -11.01 -15.70 -1.72
CA ARG B 34 -11.33 -14.32 -2.09
C ARG B 34 -12.84 -14.13 -2.21
N ALA B 35 -13.52 -15.10 -2.82
CA ALA B 35 -14.98 -15.00 -2.95
C ALA B 35 -15.66 -14.95 -1.59
N PHE B 36 -15.17 -15.72 -0.63
CA PHE B 36 -15.69 -15.72 0.73
C PHE B 36 -15.44 -14.38 1.42
N GLN B 37 -14.21 -13.85 1.31
CA GLN B 37 -13.92 -12.51 1.80
C GLN B 37 -14.89 -11.47 1.22
N GLN B 38 -15.15 -11.53 -0.08
CA GLN B 38 -16.05 -10.57 -0.72
C GLN B 38 -17.46 -10.64 -0.13
N LEU B 39 -17.91 -11.82 0.29
CA LEU B 39 -19.25 -11.94 0.87
C LEU B 39 -19.37 -11.12 2.16
N PHE B 40 -18.30 -11.05 2.96
CA PHE B 40 -18.32 -10.20 4.15
C PHE B 40 -18.45 -8.73 3.79
N LEU B 41 -17.98 -8.35 2.61
CA LEU B 41 -18.08 -6.97 2.17
C LEU B 41 -19.40 -6.68 1.47
N ASN B 42 -20.19 -7.71 1.22
CA ASN B 42 -21.57 -7.54 0.77
C ASN B 42 -22.48 -7.50 1.99
N THR B 43 -23.25 -8.59 2.22
CA THR B 43 -24.16 -8.64 3.35
C THR B 43 -23.93 -9.80 4.32
N LEU B 44 -23.01 -10.71 4.03
CA LEU B 44 -22.89 -11.94 4.82
C LEU B 44 -22.27 -11.62 6.19
N SER B 45 -22.96 -12.02 7.25
CA SER B 45 -22.50 -11.86 8.62
C SER B 45 -22.73 -13.17 9.37
N PHE B 46 -21.87 -13.45 10.34
CA PHE B 46 -22.01 -14.64 11.17
C PHE B 46 -22.55 -14.30 12.55
N VAL B 47 -23.30 -15.24 13.12
CA VAL B 47 -23.86 -15.15 14.45
C VAL B 47 -23.08 -16.10 15.35
N CYS B 48 -22.59 -15.59 16.49
CA CYS B 48 -21.82 -16.42 17.39
C CYS B 48 -22.69 -17.51 17.98
N PRO B 49 -22.10 -18.57 18.55
CA PRO B 49 -22.93 -19.66 19.07
C PRO B 49 -23.88 -19.24 20.15
N TRP B 50 -23.46 -18.34 21.04
CA TRP B 50 -24.34 -17.91 22.12
C TRP B 50 -25.58 -17.21 21.58
N CYS B 51 -25.39 -16.20 20.73
CA CYS B 51 -26.53 -15.50 20.12
C CYS B 51 -27.39 -16.43 19.29
N ALA B 52 -26.82 -17.53 18.80
CA ALA B 52 -27.60 -18.49 18.02
C ALA B 52 -28.58 -19.27 18.89
N SER B 53 -28.27 -19.44 20.17
CA SER B 53 -29.13 -20.17 21.09
C SER B 53 -29.97 -19.23 21.95
#